data_3FES
#
_entry.id   3FES
#
_cell.length_a   34.690
_cell.length_b   68.523
_cell.length_c   81.339
_cell.angle_alpha   66.91
_cell.angle_beta   86.23
_cell.angle_gamma   85.33
#
_symmetry.space_group_name_H-M   'P 1'
#
loop_
_entity.id
_entity.type
_entity.pdbx_description
1 polymer 'ATP-dependent Clp endopeptidase'
2 non-polymer 'MAGNESIUM ION'
3 non-polymer 'TETRAETHYLENE GLYCOL'
4 non-polymer '4-(2-HYDROXYETHYL)-1-PIPERAZINE ETHANESULFONIC ACID'
5 water water
#
_entity_poly.entity_id   1
_entity_poly.type   'polypeptide(L)'
_entity_poly.pdbx_seq_one_letter_code
;SNANFNRFTQRAKKAIDLAFESAKSLGHNIVGSEHILLGLLREEEGIAAKVLSKVGFTEAYLEGKIVD(MSE)EGKGEEI
SEDIVLSPRSKQILELSG(MSE)FANKLKTNYIGTEHILLAIIQEGEGIANKILNYAGVNDRTLAQLTID(MSE)(MSE)
G
;
_entity_poly.pdbx_strand_id   A,B,C,D
#
loop_
_chem_comp.id
_chem_comp.type
_chem_comp.name
_chem_comp.formula
EPE non-polymer '4-(2-HYDROXYETHYL)-1-PIPERAZINE ETHANESULFONIC ACID' 'C8 H18 N2 O4 S'
MG non-polymer 'MAGNESIUM ION' 'Mg 2'
PG4 non-polymer 'TETRAETHYLENE GLYCOL' 'C8 H18 O5'
#
# COMPACT_ATOMS: atom_id res chain seq x y z
N ASN A 4 -18.18 -18.61 -30.40
CA ASN A 4 -16.94 -19.39 -30.16
C ASN A 4 -15.86 -19.16 -31.22
N PHE A 5 -16.21 -18.51 -32.32
CA PHE A 5 -15.19 -18.09 -33.32
C PHE A 5 -14.95 -16.59 -33.33
N ASN A 6 -15.21 -15.93 -32.19
CA ASN A 6 -14.94 -14.49 -32.07
C ASN A 6 -13.51 -14.17 -32.47
N ARG A 7 -13.31 -13.06 -33.18
CA ARG A 7 -11.97 -12.76 -33.64
C ARG A 7 -11.86 -11.28 -33.92
N PHE A 8 -10.70 -10.70 -33.61
CA PHE A 8 -10.40 -9.28 -33.89
C PHE A 8 -9.89 -9.11 -35.31
N THR A 9 -10.15 -7.95 -35.92
CA THR A 9 -9.51 -7.61 -37.20
C THR A 9 -8.01 -7.36 -36.91
N GLN A 10 -7.19 -7.43 -37.96
CA GLN A 10 -5.78 -7.04 -37.86
C GLN A 10 -5.56 -5.67 -37.29
N ARG A 11 -6.37 -4.69 -37.68
CA ARG A 11 -6.25 -3.31 -37.16
C ARG A 11 -6.56 -3.27 -35.66
N ALA A 12 -7.52 -4.08 -35.22
CA ALA A 12 -7.91 -4.12 -33.79
C ALA A 12 -6.79 -4.79 -32.97
N LYS A 13 -6.20 -5.84 -33.52
CA LYS A 13 -5.08 -6.48 -32.87
C LYS A 13 -3.94 -5.46 -32.73
N LYS A 14 -3.69 -4.67 -33.78
CA LYS A 14 -2.62 -3.67 -33.75
C LYS A 14 -2.88 -2.63 -32.68
N ALA A 15 -4.12 -2.20 -32.59
CA ALA A 15 -4.49 -1.22 -31.57
C ALA A 15 -4.23 -1.73 -30.15
N ILE A 16 -4.63 -2.98 -29.88
CA ILE A 16 -4.34 -3.62 -28.59
C ILE A 16 -2.82 -3.74 -28.32
N ASP A 17 -2.03 -4.17 -29.32
CA ASP A 17 -0.57 -4.18 -29.17
C ASP A 17 -0.04 -2.78 -28.82
N LEU A 18 -0.60 -1.77 -29.46
CA LEU A 18 -0.15 -0.39 -29.20
C LEU A 18 -0.54 0.07 -27.79
N ALA A 19 -1.64 -0.49 -27.28
CA ALA A 19 -2.10 -0.17 -25.92
C ALA A 19 -1.05 -0.69 -24.92
N PHE A 20 -0.60 -1.92 -25.15
CA PHE A 20 0.45 -2.52 -24.33
C PHE A 20 1.76 -1.75 -24.44
N GLU A 21 2.13 -1.36 -25.67
CA GLU A 21 3.38 -0.62 -25.92
C GLU A 21 3.33 0.73 -25.22
N SER A 22 2.17 1.39 -25.27
CA SER A 22 2.02 2.65 -24.56
C SER A 22 2.17 2.53 -23.05
N ALA A 23 1.50 1.54 -22.45
CA ALA A 23 1.61 1.31 -20.99
C ALA A 23 3.09 1.12 -20.61
N LYS A 24 3.76 0.24 -21.36
CA LYS A 24 5.15 -0.02 -21.06
C LYS A 24 6.00 1.26 -21.08
N SER A 25 5.81 2.05 -22.14
N SER A 25 5.81 2.07 -22.11
CA SER A 25 6.48 3.32 -22.35
CA SER A 25 6.60 3.30 -22.29
C SER A 25 6.34 4.24 -21.16
C SER A 25 6.30 4.35 -21.23
N LEU A 26 5.15 4.24 -20.56
CA LEU A 26 4.84 5.12 -19.42
C LEU A 26 5.19 4.52 -18.04
N GLY A 27 5.80 3.33 -18.04
CA GLY A 27 6.11 2.60 -16.80
C GLY A 27 4.84 2.13 -16.07
N HIS A 28 3.80 1.79 -16.85
CA HIS A 28 2.54 1.28 -16.29
C HIS A 28 2.49 -0.23 -16.52
N ASN A 29 2.33 -1.03 -15.48
CA ASN A 29 2.34 -2.49 -15.68
C ASN A 29 0.93 -3.08 -15.84
N ILE A 30 -0.08 -2.23 -15.79
CA ILE A 30 -1.45 -2.65 -16.00
C ILE A 30 -2.03 -1.85 -17.15
N VAL A 31 -2.55 -2.56 -18.16
CA VAL A 31 -3.18 -1.90 -19.33
C VAL A 31 -4.66 -1.62 -18.98
N GLY A 32 -5.00 -0.35 -18.87
CA GLY A 32 -6.36 0.09 -18.55
C GLY A 32 -7.08 0.61 -19.77
N SER A 33 -8.32 1.09 -19.59
CA SER A 33 -9.12 1.55 -20.72
C SER A 33 -8.43 2.72 -21.40
N GLU A 34 -7.69 3.52 -20.61
CA GLU A 34 -7.03 4.71 -21.17
C GLU A 34 -5.94 4.31 -22.17
N HIS A 35 -5.26 3.20 -21.90
CA HIS A 35 -4.24 2.74 -22.82
C HIS A 35 -4.84 2.16 -24.08
N ILE A 36 -5.96 1.44 -23.95
CA ILE A 36 -6.67 0.94 -25.13
C ILE A 36 -7.12 2.14 -25.98
N LEU A 37 -7.67 3.18 -25.34
CA LEU A 37 -8.05 4.38 -26.09
C LEU A 37 -6.86 5.01 -26.86
N LEU A 38 -5.71 5.09 -26.19
CA LEU A 38 -4.52 5.63 -26.83
C LEU A 38 -4.04 4.68 -27.93
N GLY A 39 -4.15 3.38 -27.66
CA GLY A 39 -3.80 2.37 -28.69
C GLY A 39 -4.66 2.51 -29.96
N LEU A 40 -5.96 2.73 -29.78
CA LEU A 40 -6.90 2.95 -30.89
C LEU A 40 -6.51 4.18 -31.71
N LEU A 41 -6.14 5.27 -31.02
CA LEU A 41 -5.70 6.50 -31.72
C LEU A 41 -4.42 6.25 -32.49
N ARG A 42 -3.44 5.66 -31.82
N ARG A 42 -3.43 5.66 -31.80
CA ARG A 42 -2.14 5.42 -32.42
CA ARG A 42 -2.12 5.38 -32.40
C ARG A 42 -2.23 4.49 -33.63
C ARG A 42 -2.21 4.46 -33.61
N GLU A 43 -3.25 3.62 -33.66
CA GLU A 43 -3.39 2.66 -34.77
C GLU A 43 -3.64 3.40 -36.10
N GLU A 44 -4.20 4.60 -36.03
CA GLU A 44 -4.29 5.56 -37.16
C GLU A 44 -5.32 5.25 -38.25
N GLU A 45 -5.35 4.03 -38.74
CA GLU A 45 -6.14 3.67 -39.93
C GLU A 45 -7.63 3.33 -39.69
N GLY A 46 -7.94 2.80 -38.50
CA GLY A 46 -9.28 2.26 -38.27
C GLY A 46 -10.31 3.34 -37.95
N ILE A 47 -11.56 2.93 -37.96
CA ILE A 47 -12.67 3.80 -37.64
C ILE A 47 -12.44 4.54 -36.31
N ALA A 48 -11.97 3.80 -35.29
CA ALA A 48 -11.82 4.41 -33.96
C ALA A 48 -10.81 5.57 -34.00
N ALA A 49 -9.70 5.37 -34.70
CA ALA A 49 -8.70 6.44 -34.82
C ALA A 49 -9.32 7.63 -35.56
N LYS A 50 -10.10 7.35 -36.61
CA LYS A 50 -10.68 8.43 -37.45
C LYS A 50 -11.75 9.20 -36.63
N VAL A 51 -12.51 8.48 -35.81
CA VAL A 51 -13.49 9.12 -34.89
C VAL A 51 -12.75 10.03 -33.89
N LEU A 52 -11.73 9.50 -33.23
CA LEU A 52 -11.04 10.20 -32.15
C LEU A 52 -10.34 11.47 -32.67
N SER A 53 -9.75 11.33 -33.87
CA SER A 53 -9.09 12.46 -34.51
C SER A 53 -10.14 13.49 -35.00
N LYS A 54 -11.29 13.00 -35.46
CA LYS A 54 -12.32 13.89 -35.95
C LYS A 54 -12.90 14.78 -34.82
N VAL A 55 -13.06 14.21 -33.63
CA VAL A 55 -13.60 14.97 -32.52
C VAL A 55 -12.51 15.83 -31.87
N GLY A 56 -11.24 15.60 -32.23
CA GLY A 56 -10.18 16.51 -31.79
C GLY A 56 -8.98 16.00 -31.00
N PHE A 57 -8.94 14.72 -30.62
CA PHE A 57 -7.80 14.20 -29.88
C PHE A 57 -6.56 14.02 -30.73
N THR A 58 -5.40 14.20 -30.10
CA THR A 58 -4.11 13.81 -30.69
C THR A 58 -3.48 12.81 -29.76
N GLU A 59 -2.47 12.09 -30.23
CA GLU A 59 -1.72 11.21 -29.34
C GLU A 59 -1.08 11.96 -28.17
N ALA A 60 -0.49 13.13 -28.46
CA ALA A 60 0.16 13.94 -27.44
C ALA A 60 -0.80 14.38 -26.36
N TYR A 61 -2.01 14.80 -26.74
CA TYR A 61 -3.01 15.19 -25.74
C TYR A 61 -3.39 14.03 -24.82
N LEU A 62 -3.74 12.89 -25.42
CA LEU A 62 -4.14 11.72 -24.62
C LEU A 62 -3.07 11.25 -23.65
N GLU A 63 -1.86 11.08 -24.18
CA GLU A 63 -0.69 10.79 -23.36
C GLU A 63 -0.47 11.76 -22.22
N GLY A 64 -0.53 13.07 -22.50
CA GLY A 64 -0.39 14.08 -21.46
C GLY A 64 -1.42 13.92 -20.35
N LYS A 65 -2.68 13.71 -20.74
CA LYS A 65 -3.77 13.52 -19.77
C LYS A 65 -3.60 12.27 -18.93
N ILE A 66 -3.09 11.22 -19.56
CA ILE A 66 -2.84 9.96 -18.86
C ILE A 66 -1.76 10.20 -17.80
N VAL A 67 -0.67 10.86 -18.21
CA VAL A 67 0.40 11.23 -17.27
C VAL A 67 -0.09 12.15 -16.14
N ASP A 68 -0.90 13.16 -16.48
CA ASP A 68 -1.47 14.05 -15.45
C ASP A 68 -2.19 13.26 -14.37
N MSE A 69 -2.85 12.18 -14.79
CA MSE A 69 -3.77 11.47 -13.91
C MSE A 69 -3.14 10.30 -13.18
O MSE A 69 -3.55 9.97 -12.09
CB MSE A 69 -4.96 10.98 -14.74
CG MSE A 69 -5.78 12.15 -15.34
SE MSE A 69 -7.22 11.45 -16.46
CE MSE A 69 -8.38 11.10 -15.01
N GLU A 70 -2.14 9.69 -13.80
CA GLU A 70 -1.58 8.43 -13.34
C GLU A 70 -0.12 8.50 -13.01
N GLY A 71 0.54 9.56 -13.52
CA GLY A 71 1.98 9.71 -13.40
C GLY A 71 2.68 8.83 -14.43
N LYS A 72 4.00 8.89 -14.47
CA LYS A 72 4.79 7.98 -15.30
C LYS A 72 6.05 7.53 -14.61
N GLY A 73 6.48 6.31 -14.92
CA GLY A 73 7.66 5.72 -14.30
C GLY A 73 8.60 5.28 -15.39
N GLU A 74 9.66 4.58 -15.05
CA GLU A 74 10.63 4.16 -16.07
C GLU A 74 10.05 3.10 -17.01
N GLU A 75 10.60 2.99 -18.22
CA GLU A 75 10.06 2.01 -19.19
C GLU A 75 10.14 0.58 -18.64
N ILE A 76 9.11 -0.21 -18.92
CA ILE A 76 9.10 -1.63 -18.56
C ILE A 76 9.45 -2.48 -19.78
N SER A 77 10.29 -3.50 -19.57
CA SER A 77 10.68 -4.37 -20.66
C SER A 77 10.00 -5.74 -20.60
N GLU A 78 9.63 -6.19 -19.40
CA GLU A 78 8.94 -7.49 -19.25
C GLU A 78 7.44 -7.40 -19.60
N ASP A 79 6.74 -8.53 -19.49
CA ASP A 79 5.29 -8.61 -19.75
C ASP A 79 4.47 -7.97 -18.65
N ILE A 80 3.39 -7.34 -19.09
CA ILE A 80 2.42 -6.62 -18.28
C ILE A 80 0.99 -7.15 -18.64
N VAL A 81 -0.07 -6.67 -17.96
CA VAL A 81 -1.36 -7.38 -18.01
C VAL A 81 -2.57 -6.46 -18.13
N LEU A 82 -3.67 -6.97 -18.70
CA LEU A 82 -4.92 -6.24 -18.79
C LEU A 82 -5.60 -6.15 -17.42
N SER A 83 -6.15 -4.98 -17.13
CA SER A 83 -7.01 -4.84 -15.95
C SER A 83 -8.37 -5.56 -16.22
N PRO A 84 -9.18 -5.75 -15.16
CA PRO A 84 -10.50 -6.36 -15.30
C PRO A 84 -11.36 -5.53 -16.24
N ARG A 85 -11.27 -4.21 -16.13
CA ARG A 85 -12.08 -3.36 -16.99
C ARG A 85 -11.70 -3.48 -18.49
N SER A 86 -10.40 -3.53 -18.74
CA SER A 86 -9.90 -3.82 -20.08
C SER A 86 -10.40 -5.13 -20.61
N LYS A 87 -10.34 -6.17 -19.79
CA LYS A 87 -10.91 -7.47 -20.19
C LYS A 87 -12.41 -7.42 -20.46
N GLN A 88 -13.15 -6.68 -19.64
N GLN A 88 -13.16 -6.68 -19.64
CA GLN A 88 -14.57 -6.48 -19.83
CA GLN A 88 -14.58 -6.51 -19.86
C GLN A 88 -14.86 -5.72 -21.13
C GLN A 88 -14.86 -5.72 -21.14
N ILE A 89 -14.08 -4.69 -21.39
CA ILE A 89 -14.19 -3.92 -22.66
C ILE A 89 -13.99 -4.82 -23.86
N LEU A 90 -12.95 -5.67 -23.81
CA LEU A 90 -12.73 -6.55 -24.96
C LEU A 90 -13.84 -7.58 -25.13
N GLU A 91 -14.31 -8.16 -24.04
CA GLU A 91 -15.47 -9.05 -24.08
C GLU A 91 -16.70 -8.32 -24.64
N LEU A 92 -16.95 -7.10 -24.18
CA LEU A 92 -18.05 -6.32 -24.73
C LEU A 92 -17.93 -6.00 -26.24
N SER A 93 -16.71 -5.73 -26.70
CA SER A 93 -16.51 -5.51 -28.14
C SER A 93 -16.97 -6.76 -28.93
N GLY A 94 -16.71 -7.98 -28.42
CA GLY A 94 -17.25 -9.20 -29.06
C GLY A 94 -18.77 -9.28 -29.01
N MSE A 95 -19.35 -8.92 -27.86
CA MSE A 95 -20.78 -8.85 -27.74
C MSE A 95 -21.41 -7.89 -28.74
O MSE A 95 -22.45 -8.23 -29.32
CB MSE A 95 -21.17 -8.48 -26.30
CG MSE A 95 -20.61 -9.55 -25.40
SE MSE A 95 -20.89 -9.16 -23.46
CE MSE A 95 -20.57 -11.00 -22.87
N PHE A 96 -20.81 -6.74 -28.96
CA PHE A 96 -21.34 -5.76 -29.93
C PHE A 96 -21.27 -6.32 -31.37
N ALA A 97 -20.11 -6.92 -31.70
CA ALA A 97 -19.97 -7.50 -33.05
C ALA A 97 -20.97 -8.62 -33.29
N ASN A 98 -21.23 -9.44 -32.27
CA ASN A 98 -22.22 -10.50 -32.40
C ASN A 98 -23.66 -9.99 -32.47
N LYS A 99 -23.94 -8.92 -31.75
CA LYS A 99 -25.25 -8.25 -31.81
C LYS A 99 -25.47 -7.70 -33.21
N LEU A 100 -24.43 -7.14 -33.80
CA LEU A 100 -24.49 -6.62 -35.16
C LEU A 100 -24.31 -7.72 -36.22
N LYS A 101 -24.12 -8.95 -35.75
CA LYS A 101 -23.94 -10.16 -36.56
C LYS A 101 -22.85 -9.99 -37.63
N THR A 102 -21.70 -9.45 -37.19
CA THR A 102 -20.48 -9.18 -37.99
C THR A 102 -19.48 -10.23 -37.60
N ASN A 103 -18.62 -10.64 -38.53
CA ASN A 103 -17.65 -11.70 -38.24
C ASN A 103 -16.40 -11.28 -37.51
N TYR A 104 -16.07 -10.00 -37.58
CA TYR A 104 -14.73 -9.55 -37.19
C TYR A 104 -14.90 -8.38 -36.26
N ILE A 105 -14.27 -8.44 -35.08
CA ILE A 105 -14.33 -7.35 -34.10
C ILE A 105 -13.28 -6.30 -34.49
N GLY A 106 -13.77 -5.13 -34.91
CA GLY A 106 -12.92 -4.04 -35.36
C GLY A 106 -12.63 -2.97 -34.31
N THR A 107 -11.82 -2.01 -34.69
CA THR A 107 -11.54 -0.87 -33.80
C THR A 107 -12.81 -0.17 -33.33
N GLU A 108 -13.81 -0.14 -34.20
CA GLU A 108 -15.09 0.53 -33.90
C GLU A 108 -15.83 -0.17 -32.74
N HIS A 109 -15.74 -1.49 -32.72
CA HIS A 109 -16.37 -2.28 -31.65
C HIS A 109 -15.70 -2.07 -30.30
N ILE A 110 -14.38 -1.95 -30.31
CA ILE A 110 -13.64 -1.68 -29.08
C ILE A 110 -13.99 -0.28 -28.56
N LEU A 111 -14.04 0.71 -29.44
CA LEU A 111 -14.39 2.06 -28.97
C LEU A 111 -15.86 2.11 -28.48
N LEU A 112 -16.76 1.41 -29.18
CA LEU A 112 -18.16 1.30 -28.71
C LEU A 112 -18.22 0.76 -27.26
N ALA A 113 -17.40 -0.26 -27.04
CA ALA A 113 -17.35 -0.94 -25.73
C ALA A 113 -16.76 -0.04 -24.65
N ILE A 114 -15.72 0.72 -24.98
CA ILE A 114 -15.14 1.69 -24.03
C ILE A 114 -16.26 2.63 -23.58
N ILE A 115 -16.95 3.20 -24.54
CA ILE A 115 -18.06 4.16 -24.24
C ILE A 115 -19.19 3.54 -23.42
N GLN A 116 -19.63 2.37 -23.84
CA GLN A 116 -20.65 1.62 -23.12
C GLN A 116 -20.29 1.28 -21.69
N GLU A 117 -19.02 0.93 -21.47
CA GLU A 117 -18.55 0.55 -20.13
C GLU A 117 -18.73 1.73 -19.15
N GLY A 118 -18.48 2.94 -19.66
CA GLY A 118 -18.92 4.15 -18.98
C GLY A 118 -18.04 4.68 -17.86
N GLU A 119 -17.16 3.86 -17.32
CA GLU A 119 -16.34 4.24 -16.18
C GLU A 119 -14.88 4.12 -16.60
N GLY A 120 -13.95 4.29 -15.68
CA GLY A 120 -12.54 4.07 -16.07
C GLY A 120 -11.95 5.36 -16.60
N ILE A 121 -10.65 5.35 -16.75
CA ILE A 121 -9.89 6.54 -17.06
C ILE A 121 -10.17 7.05 -18.47
N ALA A 122 -10.36 6.14 -19.43
CA ALA A 122 -10.70 6.55 -20.80
C ALA A 122 -11.98 7.41 -20.82
N ASN A 123 -13.02 6.98 -20.10
CA ASN A 123 -14.23 7.81 -20.06
C ASN A 123 -14.03 9.13 -19.32
N LYS A 124 -13.19 9.11 -18.27
N LYS A 124 -13.19 9.10 -18.28
CA LYS A 124 -12.86 10.34 -17.53
CA LYS A 124 -12.87 10.32 -17.54
C LYS A 124 -12.21 11.36 -18.47
C LYS A 124 -12.22 11.35 -18.46
N ILE A 125 -11.34 10.88 -19.34
CA ILE A 125 -10.67 11.74 -20.30
C ILE A 125 -11.67 12.25 -21.36
N LEU A 126 -12.52 11.37 -21.88
CA LEU A 126 -13.55 11.83 -22.83
C LEU A 126 -14.47 12.89 -22.16
N ASN A 127 -14.87 12.61 -20.93
CA ASN A 127 -15.74 13.54 -20.22
C ASN A 127 -15.08 14.87 -19.95
N TYR A 128 -13.81 14.82 -19.53
CA TYR A 128 -13.03 16.03 -19.21
C TYR A 128 -12.92 16.92 -20.43
N ALA A 129 -12.67 16.29 -21.59
CA ALA A 129 -12.61 17.00 -22.86
C ALA A 129 -13.99 17.46 -23.36
N GLY A 130 -15.06 16.96 -22.74
CA GLY A 130 -16.42 17.36 -23.12
C GLY A 130 -16.93 16.72 -24.40
N VAL A 131 -16.33 15.60 -24.81
CA VAL A 131 -16.70 14.98 -26.07
C VAL A 131 -17.19 13.55 -25.97
N ASN A 132 -17.66 13.12 -24.80
CA ASN A 132 -18.13 11.73 -24.68
C ASN A 132 -19.30 11.49 -25.68
N ASP A 133 -20.33 12.31 -25.63
CA ASP A 133 -21.48 12.03 -26.49
C ASP A 133 -21.17 12.33 -27.94
N ARG A 134 -20.27 13.30 -28.19
CA ARG A 134 -19.88 13.62 -29.57
C ARG A 134 -19.10 12.47 -30.20
N THR A 135 -18.27 11.83 -29.39
CA THR A 135 -17.49 10.65 -29.84
C THR A 135 -18.46 9.53 -30.19
N LEU A 136 -19.43 9.26 -29.33
CA LEU A 136 -20.47 8.29 -29.63
C LEU A 136 -21.23 8.58 -30.94
N ALA A 137 -21.64 9.84 -31.13
CA ALA A 137 -22.34 10.22 -32.35
C ALA A 137 -21.49 9.97 -33.59
N GLN A 138 -20.23 10.39 -33.54
CA GLN A 138 -19.32 10.28 -34.69
C GLN A 138 -19.04 8.81 -35.00
N LEU A 139 -18.92 8.02 -33.93
CA LEU A 139 -18.67 6.58 -34.08
C LEU A 139 -19.91 5.93 -34.70
N THR A 140 -21.08 6.34 -34.25
CA THR A 140 -22.32 5.78 -34.77
C THR A 140 -22.51 6.10 -36.24
N ILE A 141 -22.24 7.35 -36.65
CA ILE A 141 -22.40 7.63 -38.08
C ILE A 141 -21.32 6.93 -38.89
N ASP A 142 -20.11 6.84 -38.33
CA ASP A 142 -19.02 6.17 -39.05
C ASP A 142 -19.26 4.69 -39.23
N MSE A 143 -20.16 4.12 -38.43
CA MSE A 143 -20.51 2.72 -38.58
C MSE A 143 -21.76 2.49 -39.46
O MSE A 143 -22.25 1.35 -39.56
CB MSE A 143 -20.70 2.07 -37.21
CG MSE A 143 -19.41 2.00 -36.40
SE MSE A 143 -19.74 1.27 -34.65
CE MSE A 143 -20.32 -0.52 -35.25
N MSE A 144 -22.29 3.55 -40.07
CA MSE A 144 -23.47 3.39 -40.91
C MSE A 144 -23.10 2.88 -42.29
O MSE A 144 -21.94 3.02 -42.73
CB MSE A 144 -24.26 4.70 -41.04
CG MSE A 144 -25.00 5.11 -39.77
SE MSE A 144 -25.63 6.88 -39.91
CE MSE A 144 -27.18 6.65 -41.09
N GLY A 145 -24.10 2.34 -42.97
CA GLY A 145 -23.92 1.78 -44.33
C GLY A 145 -24.74 0.50 -44.47
N ASN B 4 19.44 24.66 22.57
CA ASN B 4 20.41 25.00 21.49
C ASN B 4 19.78 25.80 20.36
N PHE B 5 20.65 26.27 19.46
CA PHE B 5 20.24 27.08 18.34
C PHE B 5 20.48 26.34 17.03
N ASN B 6 20.31 25.01 17.03
CA ASN B 6 20.38 24.21 15.81
C ASN B 6 19.39 24.75 14.79
N ARG B 7 19.80 24.83 13.53
CA ARG B 7 18.94 25.44 12.51
C ARG B 7 19.35 24.93 11.14
N PHE B 8 18.37 24.72 10.26
CA PHE B 8 18.64 24.26 8.88
C PHE B 8 18.84 25.44 7.94
N THR B 9 19.67 25.25 6.92
CA THR B 9 19.70 26.21 5.82
C THR B 9 18.36 26.23 5.07
N GLN B 10 18.15 27.32 4.37
CA GLN B 10 17.02 27.44 3.46
C GLN B 10 16.95 26.26 2.49
N ARG B 11 18.11 25.85 1.94
CA ARG B 11 18.10 24.76 0.98
C ARG B 11 17.76 23.45 1.65
N ALA B 12 18.27 23.25 2.86
CA ALA B 12 17.88 22.04 3.65
C ALA B 12 16.38 22.05 3.99
N LYS B 13 15.84 23.20 4.35
CA LYS B 13 14.42 23.25 4.63
C LYS B 13 13.58 22.89 3.40
N LYS B 14 13.99 23.41 2.25
CA LYS B 14 13.36 23.09 0.98
C LYS B 14 13.41 21.59 0.68
N ALA B 15 14.57 20.97 0.88
CA ALA B 15 14.69 19.53 0.68
C ALA B 15 13.72 18.74 1.58
N ILE B 16 13.61 19.16 2.84
CA ILE B 16 12.63 18.50 3.73
C ILE B 16 11.20 18.73 3.24
N ASP B 17 10.88 19.98 2.83
CA ASP B 17 9.55 20.23 2.27
C ASP B 17 9.31 19.30 1.06
N LEU B 18 10.35 19.10 0.24
CA LEU B 18 10.18 18.28 -0.97
C LEU B 18 9.98 16.79 -0.60
N ALA B 19 10.58 16.41 0.52
CA ALA B 19 10.38 15.04 1.07
C ALA B 19 8.90 14.84 1.42
N PHE B 20 8.31 15.82 2.09
CA PHE B 20 6.89 15.77 2.36
C PHE B 20 6.03 15.77 1.12
N GLU B 21 6.35 16.64 0.18
CA GLU B 21 5.66 16.71 -1.10
C GLU B 21 5.73 15.36 -1.87
N SER B 22 6.90 14.72 -1.87
CA SER B 22 6.99 13.43 -2.51
C SER B 22 6.10 12.40 -1.86
N ALA B 23 6.11 12.32 -0.52
CA ALA B 23 5.24 11.36 0.19
C ALA B 23 3.78 11.61 -0.22
N LYS B 24 3.42 12.89 -0.27
CA LYS B 24 2.03 13.21 -0.62
C LYS B 24 1.66 12.76 -2.04
N SER B 25 2.53 13.08 -3.01
CA SER B 25 2.30 12.69 -4.41
C SER B 25 2.21 11.15 -4.59
N LEU B 26 2.84 10.40 -3.69
CA LEU B 26 2.77 8.93 -3.74
C LEU B 26 1.70 8.31 -2.85
N GLY B 27 0.85 9.14 -2.26
CA GLY B 27 -0.14 8.67 -1.31
C GLY B 27 0.45 8.03 -0.05
N HIS B 28 1.61 8.47 0.39
CA HIS B 28 2.23 7.86 1.61
C HIS B 28 1.91 8.78 2.80
N ASN B 29 1.57 8.22 3.95
CA ASN B 29 1.31 9.06 5.13
C ASN B 29 2.55 9.25 6.04
N ILE B 30 3.66 8.61 5.72
CA ILE B 30 4.86 8.69 6.58
C ILE B 30 6.06 9.00 5.73
N VAL B 31 6.83 10.02 6.15
CA VAL B 31 8.01 10.43 5.44
C VAL B 31 9.13 9.61 6.03
N GLY B 32 9.75 8.78 5.21
CA GLY B 32 10.84 7.91 5.67
C GLY B 32 12.18 8.41 5.13
N SER B 33 13.29 7.72 5.44
CA SER B 33 14.59 8.12 4.92
C SER B 33 14.60 8.27 3.38
N GLU B 34 13.82 7.43 2.71
CA GLU B 34 13.80 7.39 1.23
C GLU B 34 13.18 8.67 0.67
N HIS B 35 12.20 9.22 1.38
CA HIS B 35 11.60 10.46 0.89
C HIS B 35 12.56 11.63 1.12
N ILE B 36 13.25 11.60 2.25
CA ILE B 36 14.28 12.65 2.50
C ILE B 36 15.36 12.58 1.43
N LEU B 37 15.79 11.35 1.08
CA LEU B 37 16.78 11.18 0.02
C LEU B 37 16.27 11.80 -1.33
N LEU B 38 15.01 11.50 -1.65
CA LEU B 38 14.39 12.05 -2.85
C LEU B 38 14.27 13.56 -2.76
N GLY B 39 13.82 14.07 -1.59
CA GLY B 39 13.72 15.53 -1.41
C GLY B 39 15.11 16.22 -1.61
N LEU B 40 16.17 15.59 -1.11
CA LEU B 40 17.55 16.12 -1.29
C LEU B 40 17.90 16.21 -2.79
N LEU B 41 17.57 15.18 -3.58
CA LEU B 41 17.87 15.23 -5.01
C LEU B 41 17.02 16.30 -5.69
N ARG B 42 15.72 16.33 -5.36
CA ARG B 42 14.79 17.29 -5.99
C ARG B 42 15.14 18.75 -5.68
N GLU B 43 15.85 18.97 -4.57
CA GLU B 43 16.24 20.33 -4.19
C GLU B 43 17.24 20.94 -5.19
N GLU B 44 18.00 20.10 -5.90
CA GLU B 44 18.83 20.50 -7.06
C GLU B 44 20.10 21.29 -6.75
N GLU B 45 20.00 22.31 -5.93
CA GLU B 45 21.10 23.29 -5.80
C GLU B 45 22.15 22.89 -4.77
N GLY B 46 21.74 22.12 -3.75
CA GLY B 46 22.57 21.80 -2.58
C GLY B 46 23.65 20.77 -2.92
N ILE B 47 24.63 20.68 -2.04
CA ILE B 47 25.69 19.68 -2.13
C ILE B 47 25.08 18.24 -2.27
N ALA B 48 24.08 17.95 -1.46
CA ALA B 48 23.45 16.58 -1.50
C ALA B 48 22.98 16.25 -2.91
N ALA B 49 22.27 17.18 -3.54
CA ALA B 49 21.79 16.98 -4.91
C ALA B 49 22.96 16.79 -5.87
N LYS B 50 23.99 17.61 -5.70
CA LYS B 50 25.13 17.54 -6.62
C LYS B 50 25.88 16.21 -6.48
N VAL B 51 26.00 15.75 -5.23
CA VAL B 51 26.58 14.43 -4.97
C VAL B 51 25.77 13.31 -5.64
N LEU B 52 24.48 13.30 -5.41
CA LEU B 52 23.61 12.17 -5.87
C LEU B 52 23.55 12.16 -7.38
N SER B 53 23.52 13.35 -7.99
CA SER B 53 23.57 13.45 -9.43
C SER B 53 24.95 12.99 -9.95
N LYS B 54 26.02 13.35 -9.25
CA LYS B 54 27.34 13.00 -9.74
C LYS B 54 27.53 11.48 -9.76
N VAL B 55 27.02 10.78 -8.75
CA VAL B 55 27.14 9.34 -8.69
C VAL B 55 26.16 8.62 -9.64
N GLY B 56 25.20 9.35 -10.21
CA GLY B 56 24.32 8.76 -11.23
C GLY B 56 22.86 8.55 -10.89
N PHE B 57 22.38 9.07 -9.76
CA PHE B 57 20.92 9.05 -9.46
C PHE B 57 20.13 10.09 -10.19
N THR B 58 18.95 9.69 -10.66
CA THR B 58 17.96 10.65 -11.16
C THR B 58 16.72 10.62 -10.28
N GLU B 59 15.89 11.66 -10.36
CA GLU B 59 14.60 11.64 -9.68
C GLU B 59 13.80 10.40 -10.07
N ALA B 60 13.73 10.13 -11.38
CA ALA B 60 13.01 8.95 -11.90
C ALA B 60 13.48 7.61 -11.33
N TYR B 61 14.80 7.42 -11.19
CA TYR B 61 15.29 6.16 -10.63
C TYR B 61 14.85 5.95 -9.16
N LEU B 62 15.04 7.00 -8.37
CA LEU B 62 14.77 6.94 -6.92
C LEU B 62 13.29 6.74 -6.67
N GLU B 63 12.47 7.54 -7.33
CA GLU B 63 11.03 7.42 -7.21
C GLU B 63 10.57 6.04 -7.63
N GLY B 64 11.15 5.52 -8.72
CA GLY B 64 10.89 4.15 -9.16
C GLY B 64 11.16 3.09 -8.11
N LYS B 65 12.30 3.21 -7.41
CA LYS B 65 12.65 2.22 -6.38
C LYS B 65 11.75 2.37 -5.16
N ILE B 66 11.37 3.59 -4.83
CA ILE B 66 10.50 3.81 -3.67
C ILE B 66 9.15 3.12 -3.93
N VAL B 67 8.63 3.33 -5.13
CA VAL B 67 7.34 2.71 -5.51
C VAL B 67 7.46 1.18 -5.51
N ASP B 68 8.58 0.67 -6.00
CA ASP B 68 8.78 -0.76 -6.01
C ASP B 68 8.70 -1.36 -4.64
N MSE B 69 9.23 -0.64 -3.67
CA MSE B 69 9.38 -1.16 -2.33
C MSE B 69 8.21 -0.84 -1.41
O MSE B 69 7.93 -1.58 -0.47
CB MSE B 69 10.71 -0.68 -1.74
CG MSE B 69 11.92 -1.28 -2.48
SE MSE B 69 13.53 -0.28 -1.94
CE MSE B 69 13.77 -1.22 -0.38
N GLU B 70 7.49 0.23 -1.71
CA GLU B 70 6.40 0.65 -0.82
C GLU B 70 5.08 0.83 -1.49
N GLY B 71 5.05 0.77 -2.82
CA GLY B 71 3.80 0.98 -3.53
C GLY B 71 3.42 2.46 -3.60
N LYS B 72 2.26 2.71 -4.16
CA LYS B 72 1.79 4.05 -4.40
C LYS B 72 0.36 3.99 -3.95
N GLY B 73 -0.09 5.03 -3.27
CA GLY B 73 -1.51 5.06 -2.92
C GLY B 73 -2.22 6.18 -3.66
N GLU B 74 -3.53 6.24 -3.51
CA GLU B 74 -4.34 7.35 -4.04
C GLU B 74 -3.94 8.63 -3.32
N GLU B 75 -3.72 9.71 -4.07
CA GLU B 75 -3.28 10.97 -3.48
C GLU B 75 -4.37 11.49 -2.55
N ILE B 76 -4.04 11.57 -1.27
CA ILE B 76 -4.98 11.88 -0.20
C ILE B 76 -4.54 13.20 0.44
N SER B 77 -5.50 13.94 1.00
CA SER B 77 -5.18 14.97 1.97
C SER B 77 -5.44 14.36 3.34
N GLU B 78 -4.35 14.24 4.09
CA GLU B 78 -4.32 13.57 5.38
C GLU B 78 -2.98 14.03 5.98
N ASP B 79 -2.86 13.87 7.29
CA ASP B 79 -1.68 14.19 8.06
C ASP B 79 -0.47 13.38 7.56
N ILE B 80 0.61 14.03 7.18
CA ILE B 80 1.82 13.29 6.86
C ILE B 80 2.86 13.55 7.96
N VAL B 81 3.55 12.51 8.45
CA VAL B 81 4.44 12.71 9.59
C VAL B 81 5.78 11.98 9.35
N LEU B 82 6.80 12.41 10.09
CA LEU B 82 8.13 11.79 10.00
C LEU B 82 8.10 10.45 10.74
N SER B 83 8.80 9.47 10.15
CA SER B 83 9.04 8.21 10.85
C SER B 83 10.13 8.46 11.94
N PRO B 84 10.26 7.54 12.90
CA PRO B 84 11.30 7.68 13.89
C PRO B 84 12.69 7.71 13.30
N ARG B 85 12.96 6.92 12.27
N ARG B 85 12.95 6.90 12.27
CA ARG B 85 14.28 6.97 11.65
CA ARG B 85 14.23 6.92 11.58
C ARG B 85 14.53 8.31 10.92
C ARG B 85 14.50 8.31 10.97
N SER B 86 13.49 8.88 10.31
CA SER B 86 13.63 10.25 9.77
C SER B 86 13.96 11.26 10.83
N LYS B 87 13.25 11.19 11.95
CA LYS B 87 13.54 12.11 13.07
C LYS B 87 14.98 11.93 13.55
N GLN B 88 15.40 10.67 13.67
CA GLN B 88 16.77 10.39 14.09
C GLN B 88 17.77 10.94 13.08
N ILE B 89 17.45 10.79 11.79
CA ILE B 89 18.32 11.38 10.73
C ILE B 89 18.47 12.86 10.89
N LEU B 90 17.35 13.55 11.15
CA LEU B 90 17.42 14.98 11.27
C LEU B 90 18.19 15.41 12.52
N GLU B 91 18.03 14.67 13.61
N GLU B 91 18.02 14.66 13.60
CA GLU B 91 18.79 14.96 14.82
CA GLU B 91 18.75 14.91 14.84
C GLU B 91 20.28 14.74 14.56
C GLU B 91 20.25 14.70 14.63
N LEU B 92 20.59 13.63 13.89
CA LEU B 92 21.97 13.28 13.57
C LEU B 92 22.61 14.37 12.67
N SER B 93 21.81 14.93 11.77
CA SER B 93 22.31 16.02 10.92
C SER B 93 22.79 17.21 11.77
N GLY B 94 22.03 17.54 12.84
CA GLY B 94 22.46 18.60 13.78
C GLY B 94 23.72 18.22 14.55
N MSE B 95 23.79 16.96 14.98
CA MSE B 95 25.00 16.41 15.59
C MSE B 95 26.22 16.54 14.70
O MSE B 95 27.27 16.95 15.18
CB MSE B 95 24.77 14.96 16.02
CG MSE B 95 23.87 14.91 17.21
SE MSE B 95 23.27 13.09 17.61
CE MSE B 95 21.95 13.60 18.96
N PHE B 96 26.11 16.20 13.42
CA PHE B 96 27.22 16.37 12.50
C PHE B 96 27.60 17.84 12.34
N ALA B 97 26.61 18.74 12.21
CA ALA B 97 26.92 20.18 12.06
C ALA B 97 27.66 20.70 13.32
N ASN B 98 27.19 20.27 14.51
CA ASN B 98 27.86 20.59 15.76
C ASN B 98 29.27 19.96 15.90
N LYS B 99 29.45 18.71 15.50
CA LYS B 99 30.78 18.08 15.46
C LYS B 99 31.70 18.98 14.62
N LEU B 100 31.18 19.47 13.51
CA LEU B 100 31.99 20.27 12.60
C LEU B 100 32.01 21.74 12.96
N LYS B 101 31.40 22.07 14.10
CA LYS B 101 31.28 23.42 14.59
C LYS B 101 30.89 24.39 13.48
N THR B 102 29.82 24.05 12.78
CA THR B 102 29.20 24.89 11.73
C THR B 102 27.86 25.39 12.31
N ASN B 103 27.43 26.58 11.89
CA ASN B 103 26.18 27.13 12.39
C ASN B 103 24.90 26.62 11.77
N TYR B 104 24.98 26.12 10.54
CA TYR B 104 23.74 25.86 9.82
C TYR B 104 23.79 24.46 9.27
N ILE B 105 22.72 23.72 9.48
CA ILE B 105 22.63 22.34 9.00
C ILE B 105 22.20 22.38 7.57
N GLY B 106 23.10 21.96 6.68
CA GLY B 106 22.85 22.02 5.26
C GLY B 106 22.41 20.68 4.69
N THR B 107 22.13 20.69 3.39
CA THR B 107 21.80 19.41 2.71
C THR B 107 22.87 18.31 2.89
N GLU B 108 24.13 18.74 2.92
CA GLU B 108 25.27 17.80 3.07
C GLU B 108 25.23 17.10 4.43
N HIS B 109 24.78 17.80 5.47
CA HIS B 109 24.68 17.17 6.81
C HIS B 109 23.55 16.15 6.87
N ILE B 110 22.45 16.46 6.18
CA ILE B 110 21.31 15.50 6.11
C ILE B 110 21.76 14.22 5.37
N LEU B 111 22.41 14.40 4.24
CA LEU B 111 22.90 13.21 3.48
C LEU B 111 23.94 12.39 4.31
N LEU B 112 24.84 13.08 5.02
CA LEU B 112 25.81 12.41 5.89
C LEU B 112 25.06 11.57 6.94
N ALA B 113 23.99 12.16 7.50
CA ALA B 113 23.21 11.48 8.53
C ALA B 113 22.46 10.26 7.97
N ILE B 114 21.93 10.35 6.74
CA ILE B 114 21.27 9.18 6.11
C ILE B 114 22.30 8.04 6.00
N ILE B 115 23.47 8.40 5.53
CA ILE B 115 24.52 7.38 5.30
C ILE B 115 24.96 6.76 6.62
N GLN B 116 25.21 7.61 7.60
CA GLN B 116 25.60 7.17 8.93
C GLN B 116 24.57 6.30 9.63
N GLU B 117 23.30 6.69 9.54
N GLU B 117 23.29 6.65 9.54
CA GLU B 117 22.19 5.91 10.11
CA GLU B 117 22.31 5.85 10.27
C GLU B 117 22.27 4.46 9.65
C GLU B 117 22.14 4.43 9.64
N GLY B 118 22.45 4.29 8.35
CA GLY B 118 22.86 3.00 7.77
C GLY B 118 21.81 1.95 7.50
N GLU B 119 20.59 2.15 7.98
CA GLU B 119 19.47 1.22 7.65
C GLU B 119 18.29 2.01 7.04
N GLY B 120 17.16 1.37 6.78
CA GLY B 120 16.08 2.12 6.13
C GLY B 120 16.21 2.05 4.62
N ILE B 121 15.15 2.48 3.97
CA ILE B 121 14.96 2.30 2.56
C ILE B 121 15.95 3.15 1.77
N ALA B 122 16.26 4.38 2.24
CA ALA B 122 17.31 5.16 1.56
C ALA B 122 18.60 4.37 1.45
N ASN B 123 19.07 3.78 2.55
CA ASN B 123 20.31 2.97 2.42
C ASN B 123 20.19 1.74 1.56
N LYS B 124 19.03 1.08 1.62
CA LYS B 124 18.78 -0.08 0.74
C LYS B 124 18.88 0.32 -0.72
N ILE B 125 18.34 1.48 -1.05
CA ILE B 125 18.39 1.93 -2.45
C ILE B 125 19.82 2.31 -2.87
N LEU B 126 20.55 3.01 -1.99
CA LEU B 126 21.95 3.34 -2.29
C LEU B 126 22.73 2.04 -2.47
N ASN B 127 22.44 1.07 -1.61
CA ASN B 127 23.13 -0.24 -1.71
C ASN B 127 22.81 -1.03 -2.96
N TYR B 128 21.51 -1.05 -3.30
CA TYR B 128 20.99 -1.78 -4.46
C TYR B 128 21.63 -1.19 -5.71
N ALA B 129 21.79 0.14 -5.72
CA ALA B 129 22.44 0.81 -6.84
C ALA B 129 23.96 0.57 -6.86
N GLY B 130 24.53 0.08 -5.75
CA GLY B 130 25.99 -0.18 -5.67
C GLY B 130 26.82 1.09 -5.44
N VAL B 131 26.21 2.14 -4.90
CA VAL B 131 26.88 3.41 -4.72
C VAL B 131 26.93 3.98 -3.32
N ASN B 132 26.70 3.19 -2.28
CA ASN B 132 26.70 3.76 -0.93
C ASN B 132 28.09 4.36 -0.59
N ASP B 133 29.17 3.60 -0.80
CA ASP B 133 30.48 4.10 -0.46
C ASP B 133 30.91 5.21 -1.41
N ARG B 134 30.52 5.10 -2.67
CA ARG B 134 30.86 6.11 -3.69
C ARG B 134 30.20 7.47 -3.33
N THR B 135 28.96 7.38 -2.89
CA THR B 135 28.20 8.56 -2.44
C THR B 135 28.90 9.22 -1.24
N LEU B 136 29.28 8.41 -0.26
CA LEU B 136 30.04 8.90 0.86
C LEU B 136 31.35 9.58 0.46
N ALA B 137 32.13 8.96 -0.45
CA ALA B 137 33.36 9.61 -0.88
C ALA B 137 33.09 10.93 -1.59
N GLN B 138 32.09 10.94 -2.47
CA GLN B 138 31.72 12.17 -3.21
C GLN B 138 31.29 13.30 -2.26
N LEU B 139 30.46 12.93 -1.30
CA LEU B 139 30.01 13.81 -0.24
C LEU B 139 31.20 14.36 0.58
N THR B 140 32.13 13.48 0.93
CA THR B 140 33.25 13.91 1.75
C THR B 140 34.10 14.93 1.03
N ILE B 141 34.44 14.67 -0.25
CA ILE B 141 35.25 15.66 -0.99
C ILE B 141 34.48 16.94 -1.30
N ASP B 142 33.18 16.82 -1.47
CA ASP B 142 32.39 18.02 -1.74
C ASP B 142 32.28 18.88 -0.50
N MSE B 143 32.54 18.30 0.67
CA MSE B 143 32.56 19.08 1.90
C MSE B 143 33.95 19.61 2.27
O MSE B 143 34.14 20.23 3.31
CB MSE B 143 31.96 18.31 3.04
CG MSE B 143 30.46 18.14 2.91
SE MSE B 143 29.85 16.91 4.28
CE MSE B 143 29.99 18.09 5.84
N MSE B 144 34.94 19.32 1.43
CA MSE B 144 36.21 19.92 1.57
C MSE B 144 36.07 21.31 0.96
O MSE B 144 36.70 22.23 1.46
CB MSE B 144 37.28 19.11 0.86
CG MSE B 144 37.44 17.66 1.39
SE MSE B 144 38.66 16.62 0.32
CE MSE B 144 40.27 17.70 0.66
N ASN C 4 -12.57 -20.77 12.48
CA ASN C 4 -13.39 -22.03 12.58
C ASN C 4 -12.78 -23.15 11.72
N PHE C 5 -11.44 -23.31 11.72
CA PHE C 5 -10.81 -24.00 10.55
C PHE C 5 -11.35 -25.39 10.19
N ASN C 6 -11.84 -26.12 11.18
N ASN C 6 -11.84 -26.11 11.20
CA ASN C 6 -12.48 -27.41 10.94
CA ASN C 6 -12.52 -27.39 10.98
C ASN C 6 -13.81 -27.33 10.15
C ASN C 6 -13.72 -27.29 10.02
N ARG C 7 -14.35 -26.11 9.99
CA ARG C 7 -15.58 -25.91 9.21
C ARG C 7 -15.36 -25.53 7.73
N PHE C 8 -14.12 -25.30 7.34
CA PHE C 8 -13.81 -24.86 5.97
C PHE C 8 -13.73 -26.04 5.04
N THR C 9 -14.16 -25.86 3.79
CA THR C 9 -13.95 -26.91 2.79
C THR C 9 -12.47 -26.95 2.50
N GLN C 10 -12.01 -28.02 1.86
N GLN C 10 -12.02 -28.03 1.87
CA GLN C 10 -10.60 -28.13 1.49
CA GLN C 10 -10.62 -28.16 1.48
C GLN C 10 -10.21 -27.00 0.55
C GLN C 10 -10.21 -27.03 0.54
N ARG C 11 -11.09 -26.69 -0.41
CA ARG C 11 -10.87 -25.55 -1.32
C ARG C 11 -10.80 -24.20 -0.60
N ALA C 12 -11.69 -23.98 0.37
CA ALA C 12 -11.56 -22.77 1.22
C ALA C 12 -10.28 -22.76 2.02
N LYS C 13 -9.90 -23.90 2.63
CA LYS C 13 -8.64 -23.96 3.34
C LYS C 13 -7.47 -23.63 2.41
N LYS C 14 -7.49 -24.19 1.20
CA LYS C 14 -6.36 -23.99 0.32
C LYS C 14 -6.33 -22.50 -0.14
N ALA C 15 -7.48 -21.87 -0.31
CA ALA C 15 -7.50 -20.42 -0.59
C ALA C 15 -6.80 -19.64 0.51
N ILE C 16 -7.09 -19.97 1.77
CA ILE C 16 -6.43 -19.29 2.90
C ILE C 16 -4.93 -19.58 2.94
N ASP C 17 -4.58 -20.85 2.70
CA ASP C 17 -3.18 -21.21 2.54
C ASP C 17 -2.49 -20.37 1.47
N LEU C 18 -3.10 -20.26 0.30
CA LEU C 18 -2.53 -19.43 -0.78
C LEU C 18 -2.45 -17.96 -0.42
N ALA C 19 -3.41 -17.46 0.39
CA ALA C 19 -3.33 -16.09 0.92
C ALA C 19 -2.05 -15.84 1.76
N PHE C 20 -1.77 -16.75 2.69
CA PHE C 20 -0.57 -16.71 3.49
C PHE C 20 0.69 -16.83 2.64
N GLU C 21 0.67 -17.73 1.66
CA GLU C 21 1.81 -17.96 0.78
C GLU C 21 2.02 -16.73 -0.11
N SER C 22 0.94 -16.13 -0.59
CA SER C 22 1.06 -14.89 -1.34
C SER C 22 1.70 -13.76 -0.52
N ALA C 23 1.22 -13.55 0.72
CA ALA C 23 1.79 -12.53 1.61
C ALA C 23 3.28 -12.75 1.86
N LYS C 24 3.63 -13.99 2.20
CA LYS C 24 5.04 -14.37 2.39
C LYS C 24 5.87 -14.01 1.15
N SER C 25 5.40 -14.43 -0.03
CA SER C 25 6.10 -14.19 -1.29
C SER C 25 6.34 -12.71 -1.57
N LEU C 26 5.39 -11.85 -1.18
CA LEU C 26 5.48 -10.41 -1.42
C LEU C 26 6.20 -9.68 -0.29
N GLY C 27 6.60 -10.42 0.74
CA GLY C 27 7.37 -9.84 1.81
C GLY C 27 6.44 -9.10 2.75
N HIS C 28 5.17 -9.49 2.73
CA HIS C 28 4.15 -8.86 3.54
C HIS C 28 3.96 -9.67 4.85
N ASN C 29 4.06 -8.96 5.97
CA ASN C 29 3.92 -9.47 7.33
C ASN C 29 2.53 -9.85 7.79
N ILE C 30 1.53 -9.24 7.15
CA ILE C 30 0.17 -9.34 7.61
C ILE C 30 -0.65 -9.75 6.40
N VAL C 31 -1.49 -10.77 6.57
CA VAL C 31 -2.39 -11.23 5.50
C VAL C 31 -3.66 -10.39 5.59
N GLY C 32 -3.84 -9.47 4.63
CA GLY C 32 -5.06 -8.61 4.57
C GLY C 32 -6.14 -9.17 3.64
N SER C 33 -7.25 -8.45 3.53
CA SER C 33 -8.37 -8.88 2.71
C SER C 33 -7.90 -9.06 1.26
N GLU C 34 -6.91 -8.27 0.83
CA GLU C 34 -6.42 -8.35 -0.56
C GLU C 34 -5.67 -9.68 -0.82
N HIS C 35 -4.98 -10.17 0.21
CA HIS C 35 -4.28 -11.47 0.11
C HIS C 35 -5.31 -12.60 0.11
N ILE C 36 -6.37 -12.46 0.91
CA ILE C 36 -7.48 -13.41 0.86
C ILE C 36 -8.13 -13.46 -0.53
N LEU C 37 -8.39 -12.29 -1.12
CA LEU C 37 -8.94 -12.21 -2.46
C LEU C 37 -8.01 -12.95 -3.45
N LEU C 38 -6.71 -12.68 -3.37
CA LEU C 38 -5.73 -13.36 -4.25
C LEU C 38 -5.68 -14.86 -4.02
N GLY C 39 -5.75 -15.30 -2.76
CA GLY C 39 -5.78 -16.72 -2.45
C GLY C 39 -7.03 -17.37 -3.05
N LEU C 40 -8.19 -16.70 -2.95
CA LEU C 40 -9.41 -17.22 -3.55
C LEU C 40 -9.29 -17.35 -5.08
N LEU C 41 -8.65 -16.38 -5.71
CA LEU C 41 -8.46 -16.43 -7.15
C LEU C 41 -7.44 -17.53 -7.53
N ARG C 42 -6.37 -17.64 -6.75
N ARG C 42 -6.38 -17.65 -6.74
CA ARG C 42 -5.30 -18.62 -7.05
CA ARG C 42 -5.30 -18.62 -7.03
C ARG C 42 -5.77 -20.05 -6.82
C ARG C 42 -5.77 -20.05 -6.82
N GLU C 43 -6.82 -20.21 -6.03
CA GLU C 43 -7.37 -21.54 -5.76
C GLU C 43 -7.97 -22.19 -7.03
N GLU C 44 -8.36 -21.35 -8.00
CA GLU C 44 -8.84 -21.74 -9.34
C GLU C 44 -10.17 -22.49 -9.50
N GLU C 45 -10.43 -23.52 -8.68
CA GLU C 45 -11.54 -24.46 -8.91
C GLU C 45 -12.82 -24.03 -8.26
N GLY C 46 -12.72 -23.26 -7.17
CA GLY C 46 -13.90 -22.91 -6.36
C GLY C 46 -14.73 -21.82 -6.99
N ILE C 47 -15.95 -21.66 -6.50
CA ILE C 47 -16.86 -20.62 -6.96
C ILE C 47 -16.23 -19.21 -6.97
N ALA C 48 -15.50 -18.86 -5.91
CA ALA C 48 -14.97 -17.48 -5.81
C ALA C 48 -14.02 -17.21 -6.98
N ALA C 49 -13.10 -18.13 -7.24
CA ALA C 49 -12.22 -17.95 -8.39
C ALA C 49 -13.00 -17.82 -9.71
N LYS C 50 -14.00 -18.69 -9.88
CA LYS C 50 -14.80 -18.68 -11.14
C LYS C 50 -15.54 -17.38 -11.35
N VAL C 51 -16.11 -16.83 -10.27
CA VAL C 51 -16.81 -15.58 -10.34
C VAL C 51 -15.84 -14.42 -10.61
N LEU C 52 -14.71 -14.42 -9.90
CA LEU C 52 -13.72 -13.34 -10.08
C LEU C 52 -13.19 -13.38 -11.55
N SER C 53 -12.99 -14.57 -12.07
CA SER C 53 -12.60 -14.71 -13.48
C SER C 53 -13.68 -14.17 -14.43
N LYS C 54 -14.95 -14.46 -14.15
CA LYS C 54 -16.07 -13.94 -14.95
C LYS C 54 -16.11 -12.43 -15.08
N VAL C 55 -15.71 -11.72 -14.01
CA VAL C 55 -15.69 -10.26 -14.03
C VAL C 55 -14.35 -9.67 -14.48
N GLY C 56 -13.46 -10.51 -15.04
CA GLY C 56 -12.21 -10.02 -15.65
C GLY C 56 -10.92 -10.08 -14.82
N PHE C 57 -10.95 -10.64 -13.61
CA PHE C 57 -9.75 -10.75 -12.79
C PHE C 57 -8.88 -11.89 -13.26
N THR C 58 -7.58 -11.65 -13.29
CA THR C 58 -6.61 -12.69 -13.48
C THR C 58 -5.65 -12.64 -12.28
N GLU C 59 -4.96 -13.77 -12.01
CA GLU C 59 -3.98 -13.71 -10.91
C GLU C 59 -2.85 -12.74 -11.18
N ALA C 60 -2.36 -12.64 -12.42
CA ALA C 60 -1.30 -11.70 -12.74
C ALA C 60 -1.75 -10.26 -12.48
N TYR C 61 -2.99 -9.93 -12.84
CA TYR C 61 -3.49 -8.59 -12.59
C TYR C 61 -3.53 -8.34 -11.05
N LEU C 62 -4.10 -9.27 -10.32
CA LEU C 62 -4.40 -8.98 -8.89
C LEU C 62 -3.09 -8.89 -8.12
N GLU C 63 -2.20 -9.84 -8.38
CA GLU C 63 -0.89 -9.76 -7.78
C GLU C 63 -0.16 -8.45 -8.18
N GLY C 64 -0.19 -8.11 -9.47
CA GLY C 64 0.44 -6.90 -9.98
C GLY C 64 -0.12 -5.64 -9.29
N LYS C 65 -1.42 -5.62 -9.08
CA LYS C 65 -2.09 -4.46 -8.50
C LYS C 65 -1.78 -4.35 -7.01
N ILE C 66 -1.78 -5.49 -6.31
CA ILE C 66 -1.31 -5.50 -4.90
C ILE C 66 0.08 -4.94 -4.73
N VAL C 67 1.04 -5.40 -5.54
CA VAL C 67 2.39 -4.86 -5.49
C VAL C 67 2.42 -3.39 -5.88
N ASP C 68 1.62 -2.99 -6.85
CA ASP C 68 1.59 -1.56 -7.23
C ASP C 68 1.08 -0.65 -6.07
N MSE C 69 0.19 -1.18 -5.26
CA MSE C 69 -0.39 -0.43 -4.12
C MSE C 69 0.47 -0.48 -2.85
O MSE C 69 0.44 0.45 -2.06
CB MSE C 69 -1.79 -0.95 -3.81
CG MSE C 69 -2.86 -0.59 -4.86
SE MSE C 69 -4.48 -1.61 -4.46
CE MSE C 69 -5.28 -0.37 -3.24
N GLU C 70 1.18 -1.58 -2.64
CA GLU C 70 1.79 -1.90 -1.32
C GLU C 70 3.28 -2.19 -1.42
N GLY C 71 3.80 -2.34 -2.65
CA GLY C 71 5.18 -2.69 -2.85
C GLY C 71 5.47 -4.15 -2.53
N LYS C 72 6.73 -4.56 -2.65
CA LYS C 72 7.14 -5.86 -2.14
C LYS C 72 8.43 -5.74 -1.35
N GLY C 73 8.49 -6.46 -0.24
CA GLY C 73 9.72 -6.55 0.57
C GLY C 73 10.35 -7.89 0.25
N GLU C 74 11.49 -8.21 0.87
CA GLU C 74 12.04 -9.55 0.71
C GLU C 74 11.20 -10.52 1.53
N GLU C 75 11.19 -11.78 1.09
CA GLU C 75 10.28 -12.82 1.62
C GLU C 75 10.32 -13.04 3.13
N ILE C 76 9.17 -13.42 3.70
CA ILE C 76 9.05 -13.43 5.15
C ILE C 76 9.10 -14.80 5.81
N ASP C 79 7.00 -14.31 11.46
CA ASP C 79 5.80 -15.12 11.53
C ASP C 79 4.57 -14.29 11.13
N ILE C 80 3.81 -14.82 10.18
CA ILE C 80 2.81 -14.07 9.44
C ILE C 80 1.45 -14.25 10.12
N VAL C 81 0.64 -13.20 10.24
CA VAL C 81 -0.69 -13.30 10.86
C VAL C 81 -1.78 -12.58 10.06
N LEU C 82 -3.02 -12.94 10.33
CA LEU C 82 -4.15 -12.28 9.68
C LEU C 82 -4.33 -10.89 10.24
N SER C 83 -4.70 -9.97 9.37
CA SER C 83 -5.05 -8.61 9.80
C SER C 83 -6.34 -8.68 10.64
N PRO C 84 -6.62 -7.64 11.42
CA PRO C 84 -7.90 -7.61 12.12
C PRO C 84 -9.10 -7.73 11.18
N ARG C 85 -9.08 -7.04 10.05
CA ARG C 85 -10.22 -7.19 9.12
C ARG C 85 -10.32 -8.59 8.48
N SER C 86 -9.17 -9.22 8.19
CA SER C 86 -9.21 -10.59 7.69
C SER C 86 -9.86 -11.51 8.69
N LYS C 87 -9.55 -11.31 9.98
CA LYS C 87 -10.18 -12.16 10.99
C LYS C 87 -11.68 -11.93 11.01
N GLN C 88 -12.07 -10.69 10.84
CA GLN C 88 -13.51 -10.35 10.80
C GLN C 88 -14.18 -10.97 9.56
N ILE C 89 -13.49 -10.92 8.41
CA ILE C 89 -13.97 -11.57 7.20
C ILE C 89 -14.15 -13.07 7.40
N LEU C 90 -13.16 -13.74 7.97
CA LEU C 90 -13.33 -15.17 8.28
C LEU C 90 -14.49 -15.47 9.24
N GLU C 91 -14.67 -14.62 10.26
N GLU C 91 -14.67 -14.62 10.26
CA GLU C 91 -15.85 -14.68 11.15
CA GLU C 91 -15.85 -14.72 11.14
C GLU C 91 -17.15 -14.56 10.35
C GLU C 91 -17.15 -14.57 10.33
N LEU C 92 -17.23 -13.52 9.52
CA LEU C 92 -18.39 -13.29 8.64
C LEU C 92 -18.65 -14.43 7.67
N SER C 93 -17.59 -15.09 7.17
N SER C 93 -17.61 -15.10 7.16
CA SER C 93 -17.78 -16.29 6.32
CA SER C 93 -17.85 -16.27 6.29
C SER C 93 -18.57 -17.42 7.02
C SER C 93 -18.57 -17.44 7.02
N GLY C 94 -18.28 -17.64 8.30
CA GLY C 94 -19.05 -18.58 9.13
C GLY C 94 -20.49 -18.12 9.31
N MSE C 95 -20.69 -16.82 9.49
CA MSE C 95 -22.04 -16.27 9.63
C MSE C 95 -22.85 -16.43 8.32
O MSE C 95 -24.04 -16.78 8.36
CB MSE C 95 -22.03 -14.82 10.07
CG MSE C 95 -21.35 -14.67 11.37
SE MSE C 95 -21.26 -12.81 11.96
CE MSE C 95 -23.18 -12.45 12.01
N PHE C 96 -22.18 -16.22 7.18
CA PHE C 96 -22.77 -16.57 5.89
C PHE C 96 -23.13 -18.05 5.77
N ALA C 97 -22.26 -18.97 6.21
CA ALA C 97 -22.65 -20.39 6.13
C ALA C 97 -23.92 -20.67 6.99
N ASN C 98 -23.99 -20.09 8.18
CA ASN C 98 -25.22 -20.21 9.00
C ASN C 98 -26.47 -19.61 8.36
N LYS C 99 -26.32 -18.41 7.77
CA LYS C 99 -27.48 -17.69 7.19
C LYS C 99 -27.94 -18.38 5.92
N LEU C 100 -27.01 -18.90 5.12
CA LEU C 100 -27.35 -19.56 3.87
C LEU C 100 -27.69 -21.02 4.08
N LYS C 101 -27.50 -21.51 5.31
CA LYS C 101 -27.74 -22.90 5.69
C LYS C 101 -26.88 -23.92 4.91
N THR C 102 -25.56 -23.78 5.04
CA THR C 102 -24.61 -24.76 4.48
C THR C 102 -23.77 -25.33 5.63
N ASN C 103 -23.44 -26.61 5.48
CA ASN C 103 -22.62 -27.33 6.44
C ASN C 103 -21.23 -26.68 6.65
N TYR C 104 -20.65 -26.23 5.54
CA TYR C 104 -19.23 -25.85 5.53
C TYR C 104 -19.07 -24.45 4.99
N ILE C 105 -17.95 -23.84 5.35
CA ILE C 105 -17.56 -22.55 4.78
C ILE C 105 -16.74 -22.81 3.52
N GLY C 106 -17.26 -22.39 2.37
CA GLY C 106 -16.61 -22.63 1.10
C GLY C 106 -16.02 -21.31 0.61
N THR C 107 -15.35 -21.37 -0.54
CA THR C 107 -14.81 -20.12 -1.15
C THR C 107 -15.89 -19.06 -1.39
N GLU C 108 -17.10 -19.47 -1.78
CA GLU C 108 -18.21 -18.52 -1.99
C GLU C 108 -18.57 -17.71 -0.72
N HIS C 109 -18.57 -18.33 0.44
CA HIS C 109 -18.87 -17.63 1.69
C HIS C 109 -17.76 -16.61 2.02
N ILE C 110 -16.52 -16.96 1.70
CA ILE C 110 -15.45 -16.03 1.98
C ILE C 110 -15.55 -14.82 1.05
N LEU C 111 -15.90 -15.04 -0.24
CA LEU C 111 -16.07 -13.89 -1.15
C LEU C 111 -17.25 -13.01 -0.69
N LEU C 112 -18.37 -13.62 -0.31
CA LEU C 112 -19.49 -12.81 0.19
C LEU C 112 -19.13 -12.01 1.44
N ALA C 113 -18.34 -12.63 2.31
CA ALA C 113 -17.86 -11.95 3.50
C ALA C 113 -17.00 -10.69 3.14
N ILE C 114 -16.13 -10.82 2.16
CA ILE C 114 -15.36 -9.65 1.68
C ILE C 114 -16.29 -8.55 1.23
N ILE C 115 -17.30 -8.89 0.41
CA ILE C 115 -18.26 -7.91 -0.08
C ILE C 115 -19.01 -7.25 1.08
N GLN C 116 -19.45 -8.05 2.04
CA GLN C 116 -20.23 -7.58 3.18
C GLN C 116 -19.42 -6.62 4.04
N GLU C 117 -18.14 -6.95 4.22
CA GLU C 117 -17.26 -6.13 5.02
C GLU C 117 -17.21 -4.70 4.46
N GLY C 118 -16.99 -4.58 3.17
CA GLY C 118 -17.19 -3.33 2.47
C GLY C 118 -15.99 -2.41 2.35
N GLU C 119 -15.10 -2.38 3.33
CA GLU C 119 -14.04 -1.39 3.36
C GLU C 119 -12.60 -1.89 3.27
N GLY C 120 -12.31 -3.13 3.12
CA GLY C 120 -10.82 -3.32 3.04
C GLY C 120 -10.10 -2.99 1.71
N ILE C 121 -8.81 -3.32 1.65
CA ILE C 121 -8.09 -3.23 0.36
C ILE C 121 -8.74 -4.09 -0.73
N ALA C 122 -9.21 -5.30 -0.39
CA ALA C 122 -9.86 -6.15 -1.39
C ALA C 122 -11.02 -5.39 -2.03
N ASN C 123 -11.79 -4.68 -1.19
CA ASN C 123 -12.92 -3.90 -1.74
C ASN C 123 -12.50 -2.73 -2.58
N LYS C 124 -11.42 -2.08 -2.22
CA LYS C 124 -10.97 -0.96 -3.02
C LYS C 124 -10.58 -1.51 -4.38
N ILE C 125 -9.97 -2.70 -4.37
CA ILE C 125 -9.51 -3.26 -5.66
C ILE C 125 -10.72 -3.66 -6.51
N LEU C 126 -11.72 -4.27 -5.88
CA LEU C 126 -12.94 -4.63 -6.58
C LEU C 126 -13.63 -3.40 -7.17
N ASN C 127 -13.70 -2.36 -6.36
CA ASN C 127 -14.38 -1.13 -6.76
C ASN C 127 -13.63 -0.41 -7.86
N TYR C 128 -12.34 -0.16 -7.58
CA TYR C 128 -11.37 0.51 -8.45
C TYR C 128 -11.46 -0.14 -9.81
N ALA C 129 -11.55 -1.47 -9.81
CA ALA C 129 -11.51 -2.25 -11.03
C ALA C 129 -12.84 -2.26 -11.77
N GLY C 130 -13.90 -1.78 -11.15
CA GLY C 130 -15.17 -1.66 -11.86
C GLY C 130 -16.19 -2.72 -11.56
N VAL C 131 -15.88 -3.59 -10.59
CA VAL C 131 -16.80 -4.66 -10.24
C VAL C 131 -17.91 -4.11 -9.34
N ASN C 132 -19.14 -4.38 -9.70
CA ASN C 132 -20.29 -3.96 -8.92
C ASN C 132 -20.55 -5.02 -7.83
N ASP C 133 -20.63 -4.62 -6.55
CA ASP C 133 -20.87 -5.59 -5.44
C ASP C 133 -22.10 -6.49 -5.57
N ARG C 134 -23.22 -5.93 -6.03
CA ARG C 134 -24.45 -6.67 -6.26
C ARG C 134 -24.28 -7.72 -7.34
N THR C 135 -23.68 -7.32 -8.46
CA THR C 135 -23.33 -8.26 -9.49
C THR C 135 -22.43 -9.40 -8.99
N LEU C 136 -21.42 -9.10 -8.20
CA LEU C 136 -20.48 -10.14 -7.79
C LEU C 136 -21.20 -11.13 -6.87
N ALA C 137 -22.04 -10.60 -5.97
CA ALA C 137 -22.81 -11.42 -5.05
C ALA C 137 -23.80 -12.32 -5.82
N GLN C 138 -24.49 -11.78 -6.83
CA GLN C 138 -25.45 -12.55 -7.66
C GLN C 138 -24.76 -13.69 -8.38
N LEU C 139 -23.64 -13.39 -9.05
CA LEU C 139 -22.84 -14.45 -9.74
C LEU C 139 -22.44 -15.56 -8.82
N THR C 140 -22.02 -15.19 -7.60
CA THR C 140 -21.66 -16.15 -6.55
C THR C 140 -22.80 -17.10 -6.19
N ILE C 141 -23.95 -16.58 -5.74
CA ILE C 141 -25.04 -17.50 -5.38
C ILE C 141 -25.59 -18.25 -6.57
N ASP C 142 -25.51 -17.67 -7.76
CA ASP C 142 -25.90 -18.36 -9.00
C ASP C 142 -25.10 -19.64 -9.23
N MSE C 143 -23.88 -19.72 -8.71
CA MSE C 143 -23.09 -20.96 -8.87
C MSE C 143 -23.26 -21.92 -7.71
O MSE C 143 -22.73 -23.01 -7.75
CB MSE C 143 -21.58 -20.63 -9.01
CG MSE C 143 -21.32 -19.72 -10.14
SE MSE C 143 -19.42 -19.74 -10.61
CE MSE C 143 -19.23 -21.48 -11.45
N MSE C 144 -23.97 -21.54 -6.67
CA MSE C 144 -24.13 -22.42 -5.52
C MSE C 144 -25.27 -23.37 -5.81
O MSE C 144 -26.25 -23.00 -6.45
CB MSE C 144 -24.48 -21.62 -4.27
CG MSE C 144 -23.31 -20.79 -3.77
SE MSE C 144 -23.92 -19.62 -2.30
CE MSE C 144 -24.09 -20.88 -0.79
N GLY C 145 -25.16 -24.61 -5.29
CA GLY C 145 -26.29 -25.55 -5.28
C GLY C 145 -26.89 -25.90 -6.63
N ASN D 4 -4.38 -8.54 39.84
CA ASN D 4 -3.18 -7.85 39.26
C ASN D 4 -3.34 -6.34 39.13
N PHE D 5 -4.48 -5.90 38.56
CA PHE D 5 -4.65 -4.48 38.25
C PHE D 5 -4.49 -3.54 39.45
N ASN D 6 -4.70 -4.07 40.65
CA ASN D 6 -4.41 -3.33 41.87
C ASN D 6 -2.96 -2.84 41.92
N ARG D 7 -2.04 -3.58 41.31
CA ARG D 7 -0.62 -3.27 41.37
C ARG D 7 -0.14 -2.21 40.37
N PHE D 8 -0.93 -1.95 39.33
CA PHE D 8 -0.57 -0.91 38.35
C PHE D 8 -0.64 0.51 38.93
N THR D 9 0.35 1.34 38.58
CA THR D 9 0.25 2.77 38.87
C THR D 9 -0.93 3.40 38.12
N GLN D 10 -1.29 4.62 38.51
N GLN D 10 -1.29 4.62 38.48
CA GLN D 10 -2.30 5.40 37.80
CA GLN D 10 -2.35 5.33 37.76
C GLN D 10 -1.96 5.56 36.32
C GLN D 10 -1.97 5.56 36.29
N ARG D 11 -0.72 5.99 36.05
CA ARG D 11 -0.22 6.17 34.68
C ARG D 11 -0.25 4.87 33.87
N ALA D 12 0.19 3.77 34.48
CA ALA D 12 0.09 2.45 33.81
C ALA D 12 -1.36 2.00 33.52
N LYS D 13 -2.30 2.23 34.44
CA LYS D 13 -3.72 1.92 34.18
C LYS D 13 -4.23 2.77 33.01
N LYS D 14 -3.89 4.06 33.02
CA LYS D 14 -4.33 4.95 31.96
C LYS D 14 -3.75 4.51 30.58
N ALA D 15 -2.52 4.04 30.55
CA ALA D 15 -1.92 3.52 29.30
C ALA D 15 -2.73 2.36 28.77
N ILE D 16 -3.13 1.46 29.68
CA ILE D 16 -3.94 0.33 29.29
C ILE D 16 -5.31 0.83 28.80
N ASP D 17 -5.89 1.80 29.50
CA ASP D 17 -7.19 2.30 29.08
C ASP D 17 -7.09 2.85 27.65
N LEU D 18 -6.00 3.57 27.39
CA LEU D 18 -5.76 4.17 26.09
C LEU D 18 -5.50 3.12 25.03
N ALA D 19 -4.95 1.98 25.44
CA ALA D 19 -4.74 0.85 24.52
C ALA D 19 -6.10 0.34 24.03
N PHE D 20 -7.04 0.19 24.98
CA PHE D 20 -8.41 -0.22 24.62
C PHE D 20 -9.15 0.75 23.70
N GLU D 21 -9.14 2.05 24.06
CA GLU D 21 -9.65 3.14 23.20
C GLU D 21 -9.07 3.15 21.80
N SER D 22 -7.75 2.98 21.71
CA SER D 22 -7.08 2.95 20.42
C SER D 22 -7.58 1.82 19.55
N ALA D 23 -7.68 0.62 20.13
CA ALA D 23 -8.21 -0.56 19.45
C ALA D 23 -9.61 -0.29 18.89
N LYS D 24 -10.49 0.25 19.74
CA LYS D 24 -11.85 0.57 19.34
C LYS D 24 -11.87 1.59 18.23
N SER D 25 -11.07 2.65 18.37
CA SER D 25 -11.04 3.72 17.39
C SER D 25 -10.57 3.19 16.04
N LEU D 26 -9.75 2.15 16.05
CA LEU D 26 -9.23 1.56 14.82
C LEU D 26 -10.16 0.46 14.22
N GLY D 27 -11.18 0.07 14.97
CA GLY D 27 -12.12 -0.96 14.51
C GLY D 27 -11.49 -2.34 14.70
N HIS D 28 -10.56 -2.43 15.64
CA HIS D 28 -9.94 -3.69 16.01
C HIS D 28 -10.62 -4.22 17.27
N ASN D 29 -11.13 -5.43 17.22
CA ASN D 29 -11.79 -6.02 18.38
C ASN D 29 -10.87 -6.74 19.37
N ILE D 30 -9.59 -6.84 19.06
CA ILE D 30 -8.63 -7.54 19.94
C ILE D 30 -7.48 -6.53 20.24
N VAL D 31 -7.19 -6.31 21.52
CA VAL D 31 -6.07 -5.43 21.93
C VAL D 31 -4.77 -6.23 21.89
N GLY D 32 -3.92 -5.90 20.93
CA GLY D 32 -2.64 -6.56 20.75
C GLY D 32 -1.55 -5.65 21.24
N SER D 33 -0.31 -6.11 21.07
CA SER D 33 0.86 -5.47 21.58
C SER D 33 0.98 -4.07 21.02
N GLU D 34 0.57 -3.89 19.75
CA GLU D 34 0.68 -2.59 19.08
C GLU D 34 -0.23 -1.55 19.74
N HIS D 35 -1.40 -1.96 20.22
CA HIS D 35 -2.32 -1.01 20.89
C HIS D 35 -1.77 -0.68 22.31
N ILE D 36 -1.13 -1.65 22.95
CA ILE D 36 -0.48 -1.40 24.25
C ILE D 36 0.65 -0.38 24.04
N LEU D 37 1.47 -0.58 23.01
CA LEU D 37 2.51 0.39 22.66
C LEU D 37 1.94 1.79 22.45
N LEU D 38 0.84 1.88 21.70
CA LEU D 38 0.24 3.18 21.37
C LEU D 38 -0.35 3.82 22.64
N GLY D 39 -0.96 3.00 23.49
CA GLY D 39 -1.49 3.47 24.80
C GLY D 39 -0.39 4.06 25.72
N LEU D 40 0.76 3.38 25.76
CA LEU D 40 1.93 3.86 26.49
C LEU D 40 2.39 5.19 25.94
N LEU D 41 2.47 5.32 24.60
CA LEU D 41 2.88 6.60 24.03
C LEU D 41 1.87 7.72 24.25
N ARG D 42 0.58 7.41 24.10
CA ARG D 42 -0.49 8.41 24.31
C ARG D 42 -0.59 8.86 25.76
N GLU D 43 -0.20 7.98 26.68
CA GLU D 43 -0.18 8.32 28.10
C GLU D 43 0.76 9.51 28.41
N GLU D 44 1.83 9.67 27.63
CA GLU D 44 2.60 10.93 27.56
C GLU D 44 3.55 11.25 28.74
N GLU D 45 3.09 11.07 29.98
CA GLU D 45 3.87 11.48 31.16
C GLU D 45 4.83 10.42 31.68
N GLY D 46 4.53 9.17 31.41
CA GLY D 46 5.35 8.11 31.97
C GLY D 46 6.67 7.86 31.27
N ILE D 47 7.48 7.05 31.93
CA ILE D 47 8.78 6.64 31.35
C ILE D 47 8.63 6.05 29.96
N ALA D 48 7.63 5.18 29.76
CA ALA D 48 7.56 4.54 28.46
C ALA D 48 7.34 5.59 27.36
N ALA D 49 6.44 6.54 27.58
CA ALA D 49 6.19 7.54 26.55
C ALA D 49 7.42 8.39 26.34
N LYS D 50 8.16 8.66 27.43
CA LYS D 50 9.33 9.53 27.34
C LYS D 50 10.47 8.83 26.53
N VAL D 51 10.66 7.56 26.80
CA VAL D 51 11.64 6.76 26.06
C VAL D 51 11.29 6.66 24.55
N LEU D 52 10.02 6.37 24.28
CA LEU D 52 9.59 6.19 22.89
C LEU D 52 9.78 7.52 22.14
N SER D 53 9.46 8.63 22.81
N SER D 53 9.45 8.62 22.82
CA SER D 53 9.67 9.95 22.20
CA SER D 53 9.66 9.95 22.23
C SER D 53 11.15 10.22 21.92
C SER D 53 11.14 10.21 21.91
N LYS D 54 12.01 9.84 22.85
CA LYS D 54 13.48 9.98 22.67
C LYS D 54 14.01 9.26 21.45
N VAL D 55 13.41 8.12 21.12
CA VAL D 55 13.85 7.40 19.93
C VAL D 55 13.11 7.80 18.67
N GLY D 56 12.30 8.85 18.74
CA GLY D 56 11.69 9.38 17.54
C GLY D 56 10.23 9.04 17.28
N PHE D 57 9.56 8.32 18.20
CA PHE D 57 8.13 8.01 18.02
C PHE D 57 7.23 9.19 18.33
N THR D 58 6.18 9.34 17.53
CA THR D 58 5.06 10.23 17.85
C THR D 58 3.77 9.41 17.77
N GLU D 59 2.74 9.87 18.47
N GLU D 59 2.72 9.85 18.48
CA GLU D 59 1.40 9.27 18.39
CA GLU D 59 1.41 9.22 18.39
C GLU D 59 0.92 9.13 16.94
C GLU D 59 0.91 9.13 16.93
N ALA D 60 1.06 10.21 16.18
CA ALA D 60 0.56 10.27 14.81
C ALA D 60 1.32 9.26 13.93
N TYR D 61 2.64 9.12 14.13
CA TYR D 61 3.39 8.07 13.40
C TYR D 61 2.91 6.67 13.76
N LEU D 62 2.77 6.39 15.05
CA LEU D 62 2.54 5.01 15.46
C LEU D 62 1.14 4.58 15.02
N GLU D 63 0.15 5.46 15.22
CA GLU D 63 -1.18 5.19 14.72
C GLU D 63 -1.21 5.00 13.18
N GLY D 64 -0.49 5.84 12.45
CA GLY D 64 -0.49 5.76 10.99
C GLY D 64 0.23 4.52 10.50
N LYS D 65 1.27 4.12 11.22
CA LYS D 65 2.03 2.93 10.90
C LYS D 65 1.20 1.67 11.19
N ILE D 66 0.48 1.67 12.31
CA ILE D 66 -0.41 0.53 12.61
C ILE D 66 -1.41 0.35 11.45
N VAL D 67 -2.07 1.44 11.07
CA VAL D 67 -2.98 1.42 9.93
C VAL D 67 -2.30 0.96 8.64
N ASP D 68 -1.13 1.49 8.34
CA ASP D 68 -0.42 1.09 7.14
C ASP D 68 -0.02 -0.40 7.12
N MSE D 69 0.27 -0.96 8.30
CA MSE D 69 0.72 -2.34 8.37
C MSE D 69 -0.41 -3.34 8.36
O MSE D 69 -0.26 -4.43 7.78
CB MSE D 69 1.52 -2.58 9.64
CG MSE D 69 3.00 -2.25 9.48
SE MSE D 69 3.83 -2.62 11.18
CE MSE D 69 3.77 -4.52 11.13
N GLU D 70 -1.50 -3.00 9.05
CA GLU D 70 -2.57 -4.00 9.24
C GLU D 70 -3.96 -3.49 8.98
N GLY D 71 -4.08 -2.22 8.61
CA GLY D 71 -5.34 -1.62 8.25
C GLY D 71 -6.23 -1.38 9.44
N LYS D 72 -7.41 -0.84 9.16
CA LYS D 72 -8.46 -0.78 10.15
C LYS D 72 -9.36 -2.02 9.99
N GLY D 73 -10.24 -2.24 10.96
CA GLY D 73 -11.28 -3.25 10.84
C GLY D 73 -12.67 -2.64 10.87
N GLU D 74 -13.67 -3.51 10.80
CA GLU D 74 -15.05 -3.19 11.13
C GLU D 74 -15.54 -4.32 12.03
N GLU D 75 -15.41 -4.08 13.34
CA GLU D 75 -15.93 -4.94 14.42
C GLU D 75 -17.28 -5.59 14.11
N ILE D 76 -17.36 -6.91 14.26
CA ILE D 76 -18.63 -7.63 14.05
C ILE D 76 -19.54 -7.57 15.28
N SER D 77 -18.95 -7.29 16.44
CA SER D 77 -19.73 -7.01 17.65
C SER D 77 -18.99 -5.96 18.49
N GLU D 78 -19.53 -5.67 19.66
CA GLU D 78 -18.99 -4.65 20.57
C GLU D 78 -17.91 -5.17 21.50
N ASP D 79 -17.88 -6.48 21.72
CA ASP D 79 -16.95 -7.08 22.68
C ASP D 79 -15.49 -6.78 22.34
N ILE D 80 -14.74 -6.25 23.30
CA ILE D 80 -13.30 -5.96 23.13
C ILE D 80 -12.42 -6.59 24.20
N VAL D 81 -11.47 -7.42 23.75
CA VAL D 81 -10.66 -8.26 24.67
C VAL D 81 -9.13 -8.10 24.42
N LEU D 82 -8.32 -8.38 25.45
CA LEU D 82 -6.87 -8.52 25.24
C LEU D 82 -6.54 -9.81 24.52
N SER D 83 -5.63 -9.77 23.54
CA SER D 83 -5.15 -11.02 22.94
C SER D 83 -4.45 -11.88 24.00
N PRO D 84 -4.23 -13.17 23.70
CA PRO D 84 -3.39 -13.97 24.61
C PRO D 84 -1.99 -13.34 24.78
N ARG D 85 -1.42 -12.79 23.71
CA ARG D 85 -0.10 -12.13 23.79
C ARG D 85 -0.11 -10.91 24.71
N SER D 86 -1.16 -10.09 24.62
CA SER D 86 -1.31 -8.95 25.50
C SER D 86 -1.43 -9.35 26.98
N LYS D 87 -2.19 -10.41 27.25
CA LYS D 87 -2.31 -10.87 28.62
C LYS D 87 -0.95 -11.31 29.12
N GLN D 88 -0.17 -11.95 28.25
CA GLN D 88 1.16 -12.41 28.64
C GLN D 88 2.05 -11.19 28.95
N ILE D 89 1.92 -10.13 28.14
CA ILE D 89 2.66 -8.90 28.35
C ILE D 89 2.32 -8.30 29.69
N LEU D 90 1.02 -8.24 30.02
CA LEU D 90 0.62 -7.72 31.30
C LEU D 90 1.13 -8.59 32.49
N GLU D 91 1.19 -9.91 32.30
CA GLU D 91 1.76 -10.82 33.30
C GLU D 91 3.25 -10.54 33.45
N LEU D 92 3.95 -10.47 32.31
CA LEU D 92 5.39 -10.18 32.29
C LEU D 92 5.69 -8.84 32.94
N SER D 93 4.79 -7.87 32.85
CA SER D 93 5.05 -6.57 33.50
C SER D 93 5.12 -6.69 35.04
N GLY D 94 4.29 -7.56 35.62
CA GLY D 94 4.35 -7.90 37.06
C GLY D 94 5.64 -8.68 37.38
N MSE D 95 6.01 -9.57 36.49
CA MSE D 95 7.30 -10.27 36.63
C MSE D 95 8.46 -9.26 36.64
O MSE D 95 9.36 -9.37 37.48
CB MSE D 95 7.50 -11.32 35.51
CG MSE D 95 8.93 -11.93 35.52
SE MSE D 95 9.73 -12.90 33.98
CE MSE D 95 10.52 -11.39 32.98
N PHE D 96 8.45 -8.28 35.72
CA PHE D 96 9.47 -7.21 35.80
C PHE D 96 9.44 -6.42 37.10
N ALA D 97 8.24 -6.09 37.61
CA ALA D 97 8.18 -5.36 38.87
C ALA D 97 8.80 -6.20 40.00
N ASN D 98 8.62 -7.51 39.97
CA ASN D 98 9.24 -8.38 40.97
C ASN D 98 10.76 -8.50 40.81
N LYS D 99 11.22 -8.70 39.57
CA LYS D 99 12.65 -8.82 39.27
C LYS D 99 13.43 -7.54 39.52
N LEU D 100 12.84 -6.38 39.21
CA LEU D 100 13.49 -5.09 39.43
C LEU D 100 13.29 -4.61 40.86
N LYS D 101 12.47 -5.33 41.63
CA LYS D 101 12.09 -4.96 42.98
C LYS D 101 11.40 -3.58 43.07
N THR D 102 10.25 -3.43 42.42
CA THR D 102 9.42 -2.23 42.62
C THR D 102 8.07 -2.66 43.18
N ASN D 103 7.52 -1.81 44.03
CA ASN D 103 6.16 -2.03 44.56
C ASN D 103 5.08 -2.16 43.49
N TYR D 104 5.15 -1.29 42.49
CA TYR D 104 4.06 -1.11 41.53
C TYR D 104 4.50 -1.37 40.11
N ILE D 105 3.53 -1.72 39.26
CA ILE D 105 3.78 -1.91 37.83
C ILE D 105 3.56 -0.57 37.15
N GLY D 106 4.63 0.02 36.61
CA GLY D 106 4.54 1.35 35.96
C GLY D 106 4.62 1.19 34.46
N THR D 107 4.54 2.30 33.74
CA THR D 107 4.67 2.24 32.26
C THR D 107 6.00 1.57 31.81
N GLU D 108 7.09 1.87 32.54
CA GLU D 108 8.38 1.27 32.23
C GLU D 108 8.33 -0.26 32.21
N HIS D 109 7.62 -0.88 33.18
CA HIS D 109 7.52 -2.33 33.25
C HIS D 109 6.73 -2.93 32.05
N ILE D 110 5.71 -2.21 31.62
CA ILE D 110 4.94 -2.65 30.46
C ILE D 110 5.78 -2.54 29.19
N LEU D 111 6.59 -1.48 29.06
CA LEU D 111 7.46 -1.40 27.88
C LEU D 111 8.48 -2.53 27.86
N LEU D 112 9.09 -2.83 29.00
CA LEU D 112 10.09 -3.91 29.04
C LEU D 112 9.42 -5.26 28.74
N ALA D 113 8.21 -5.42 29.23
CA ALA D 113 7.40 -6.63 28.96
C ALA D 113 7.18 -6.79 27.44
N ILE D 114 6.86 -5.70 26.76
CA ILE D 114 6.71 -5.78 25.28
C ILE D 114 7.99 -6.27 24.62
N ILE D 115 9.12 -5.66 25.01
CA ILE D 115 10.42 -6.08 24.47
C ILE D 115 10.71 -7.54 24.74
N GLN D 116 10.45 -7.97 25.96
CA GLN D 116 10.73 -9.34 26.38
C GLN D 116 9.84 -10.36 25.65
N GLU D 117 8.55 -10.04 25.51
CA GLU D 117 7.62 -10.91 24.81
C GLU D 117 8.15 -11.19 23.38
N GLY D 118 8.53 -10.12 22.69
CA GLY D 118 9.39 -10.21 21.53
C GLY D 118 8.70 -10.55 20.23
N GLU D 119 7.39 -10.80 20.26
CA GLU D 119 6.73 -11.43 19.12
C GLU D 119 5.60 -10.66 18.42
N GLY D 120 5.01 -9.66 19.03
CA GLY D 120 3.87 -9.04 18.31
C GLY D 120 4.17 -7.98 17.26
N ILE D 121 3.11 -7.33 16.78
CA ILE D 121 3.29 -6.22 15.85
C ILE D 121 4.03 -5.06 16.53
N ALA D 122 3.88 -4.89 17.85
CA ALA D 122 4.65 -3.83 18.52
C ALA D 122 6.14 -4.01 18.27
N ASN D 123 6.59 -5.26 18.39
CA ASN D 123 8.00 -5.57 18.16
C ASN D 123 8.42 -5.35 16.71
N LYS D 124 7.57 -5.71 15.78
CA LYS D 124 7.80 -5.48 14.34
C LYS D 124 7.96 -3.98 14.09
N ILE D 125 7.08 -3.16 14.70
CA ILE D 125 7.17 -1.70 14.52
C ILE D 125 8.46 -1.15 15.12
N LEU D 126 8.81 -1.61 16.33
CA LEU D 126 10.03 -1.18 16.97
C LEU D 126 11.25 -1.50 16.11
N ASN D 127 11.33 -2.72 15.60
CA ASN D 127 12.47 -3.11 14.74
C ASN D 127 12.47 -2.41 13.39
N TYR D 128 11.35 -2.47 12.66
N TYR D 128 11.34 -2.47 12.68
CA TYR D 128 11.25 -1.85 11.32
CA TYR D 128 11.17 -1.86 11.34
C TYR D 128 11.63 -0.38 11.35
C TYR D 128 11.59 -0.40 11.35
N ALA D 129 11.25 0.28 12.45
CA ALA D 129 11.52 1.69 12.62
C ALA D 129 12.96 1.93 13.01
N GLY D 130 13.72 0.87 13.25
CA GLY D 130 15.13 1.01 13.59
C GLY D 130 15.48 1.16 15.06
N VAL D 131 14.49 0.87 15.92
CA VAL D 131 14.74 0.87 17.38
C VAL D 131 15.44 -0.44 17.81
N ASN D 132 16.60 -0.33 18.44
CA ASN D 132 17.32 -1.49 18.97
C ASN D 132 16.76 -1.87 20.37
N ASP D 133 16.50 -3.16 20.64
CA ASP D 133 15.85 -3.58 21.91
C ASP D 133 16.69 -3.23 23.12
N ARG D 134 18.00 -3.49 23.02
CA ARG D 134 18.89 -3.22 24.15
C ARG D 134 18.90 -1.71 24.44
N THR D 135 18.95 -0.89 23.39
CA THR D 135 18.91 0.57 23.55
C THR D 135 17.62 1.04 24.23
N LEU D 136 16.49 0.48 23.81
CA LEU D 136 15.22 0.85 24.36
C LEU D 136 15.17 0.47 25.86
N ALA D 137 15.62 -0.72 26.17
CA ALA D 137 15.57 -1.14 27.59
C ALA D 137 16.53 -0.31 28.45
N GLN D 138 17.68 0.05 27.87
CA GLN D 138 18.68 0.88 28.57
C GLN D 138 18.11 2.27 28.90
N LEU D 139 17.48 2.91 27.90
CA LEU D 139 16.87 4.23 28.10
C LEU D 139 15.81 4.18 29.17
N THR D 140 15.04 3.09 29.19
CA THR D 140 13.99 2.88 30.18
C THR D 140 14.53 2.79 31.59
N ILE D 141 15.51 1.90 31.83
CA ILE D 141 16.02 1.78 33.19
C ILE D 141 16.80 3.02 33.59
N ASP D 142 17.36 3.72 32.60
CA ASP D 142 18.06 4.96 32.92
C ASP D 142 17.10 6.01 33.51
N MSE D 143 15.83 5.92 33.19
CA MSE D 143 14.87 6.91 33.77
C MSE D 143 14.27 6.46 35.09
O MSE D 143 13.52 7.23 35.72
CB MSE D 143 13.76 7.19 32.76
CG MSE D 143 14.29 7.81 31.52
SE MSE D 143 12.84 8.56 30.41
CE MSE D 143 12.00 9.70 31.71
N MSE D 144 14.54 5.23 35.49
CA MSE D 144 13.98 4.72 36.73
C MSE D 144 14.81 5.20 37.90
O MSE D 144 16.03 5.27 37.79
CB MSE D 144 13.89 3.20 36.71
CG MSE D 144 12.90 2.69 35.70
SE MSE D 144 13.01 0.74 35.55
CE MSE D 144 12.43 0.15 37.32
N GLY D 145 14.14 5.53 38.99
CA GLY D 145 14.80 5.99 40.20
C GLY D 145 15.70 7.21 40.06
MG MG E . -10.90 -2.64 -37.87
O1 PG4 F . 1.12 10.66 -9.53
C1 PG4 F . 2.46 10.44 -9.05
C2 PG4 F . 3.03 9.41 -9.99
O2 PG4 F . 4.10 8.71 -9.40
C3 PG4 F . 4.87 8.02 -10.41
C4 PG4 F . 4.52 6.54 -10.36
O3 PG4 F . 4.62 5.88 -11.62
C5 PG4 F . 3.35 5.58 -12.25
C6 PG4 F . 2.88 4.18 -11.89
O4 PG4 F . 1.59 3.94 -12.44
C7 PG4 F . 0.56 3.70 -11.48
C8 PG4 F . -0.55 4.73 -11.64
O5 PG4 F . -1.45 4.76 -10.51
MG MG G . 22.55 23.74 2.16
N1 EPE H . -3.22 -4.71 5.61
C2 EPE H . -2.72 -5.87 4.87
C3 EPE H . -1.23 -5.79 4.64
N4 EPE H . -0.80 -4.45 4.20
C5 EPE H . -1.52 -3.25 4.61
C6 EPE H . -3.00 -3.41 4.95
C7 EPE H . 0.62 -4.28 3.97
C8 EPE H . 1.20 -5.60 3.43
O8 EPE H . 2.53 -5.36 3.06
C9 EPE H . -4.64 -4.92 5.88
C10 EPE H . -5.54 -4.50 4.71
S EPE H . -7.21 -5.07 5.10
O1S EPE H . -7.75 -4.17 6.15
O2S EPE H . -7.20 -6.44 5.62
O3S EPE H . -8.02 -4.89 3.90
O1 PG4 I . -24.66 -16.31 -13.11
C1 PG4 I . -24.64 -17.11 -14.29
C2 PG4 I . -24.44 -18.61 -14.00
O2 PG4 I . -25.61 -19.26 -13.49
C3 PG4 I . -26.86 -18.91 -14.12
C4 PG4 I . -27.94 -19.91 -13.71
O3 PG4 I . -28.81 -19.31 -12.75
C5 PG4 I . -28.74 -19.92 -11.46
C6 PG4 I . -29.44 -21.29 -11.44
O4 PG4 I . -29.00 -22.04 -10.31
C7 PG4 I . -28.52 -23.34 -10.62
C8 PG4 I . -27.34 -23.67 -9.70
O5 PG4 I . -26.14 -23.83 -10.47
O1 PG4 J . -23.72 -11.24 9.11
C1 PG4 J . -23.81 -9.88 8.60
C2 PG4 J . -24.98 -9.68 7.63
O2 PG4 J . -25.32 -10.85 6.87
C3 PG4 J . -25.78 -10.61 5.52
C4 PG4 J . -27.18 -10.02 5.44
O3 PG4 J . -28.11 -11.03 5.85
C5 PG4 J . -29.48 -10.67 5.66
C6 PG4 J . -30.30 -11.73 6.36
O4 PG4 J . -30.10 -11.60 7.76
C7 PG4 J . -30.57 -12.75 8.45
C8 PG4 J . -31.07 -12.41 9.85
O5 PG4 J . -29.99 -12.11 10.75
MG MG K . -15.41 -24.56 -1.60
O1 PG4 L . 12.19 -16.02 35.03
C1 PG4 L . 12.83 -16.87 36.01
C2 PG4 L . 13.15 -16.12 37.31
O2 PG4 L . 14.56 -15.92 37.44
C3 PG4 L . 14.90 -14.59 37.86
C4 PG4 L . 16.23 -14.09 37.29
O3 PG4 L . 16.04 -13.37 36.05
C5 PG4 L . 17.03 -12.40 35.70
C6 PG4 L . 16.88 -12.09 34.21
O4 PG4 L . 15.57 -11.56 33.92
C7 PG4 L . 15.45 -11.27 32.53
C8 PG4 L . 14.06 -10.67 32.34
O5 PG4 L . 13.06 -11.68 32.50
MG MG M . 4.11 4.80 36.00
#